data_6YM2
#
_entry.id   6YM2
#
_cell.length_a   39.650
_cell.length_b   103.210
_cell.length_c   42.450
_cell.angle_alpha   90.000
_cell.angle_beta   107.296
_cell.angle_gamma   90.000
#
_symmetry.space_group_name_H-M   'P 1 21 1'
#
loop_
_entity.id
_entity.type
_entity.pdbx_description
1 polymer YTHDC1
2 non-polymer ~{N},9-dimethylpurin-6-amine
3 non-polymer 'SULFATE ION'
4 water water
#
_entity_poly.entity_id   1
_entity_poly.type   'polypeptide(L)'
_entity_poly.pdbx_seq_one_letter_code
;MHHHHHHSSGRENLYFQGTSKLKYVLQDARFFLIKSNNHENVSLAKAKGVWSTLPVNEKKLNLAFRSARSVILIFSVRES
GKFQGFARLSSESHHGGSPIHWVLPAGMSAKMLGGVFKIDWICRRELPFTKSAHLTNPWNEHKPVKIGRDGQEIELECGT
QLCLLFPPDESIDLYQVIHKMRH
;
_entity_poly.pdbx_strand_id   A,B
#
loop_
_chem_comp.id
_chem_comp.type
_chem_comp.name
_chem_comp.formula
OYK non-polymer ~{N},9-dimethylpurin-6-amine 'C7 H9 N5'
SO4 non-polymer 'SULFATE ION' 'O4 S -2'
#
# COMPACT_ATOMS: atom_id res chain seq x y z
N GLY A 18 -2.47 -15.86 14.35
CA GLY A 18 -1.46 -16.86 14.64
C GLY A 18 -0.37 -16.99 13.59
N THR A 19 0.52 -17.97 13.78
CA THR A 19 1.71 -18.12 12.95
C THR A 19 1.94 -19.56 12.53
N SER A 20 0.97 -20.46 12.77
CA SER A 20 1.23 -21.87 12.51
C SER A 20 1.22 -22.17 11.01
N LYS A 21 0.27 -21.60 10.27
CA LYS A 21 0.30 -21.82 8.82
C LYS A 21 1.54 -21.21 8.20
N LEU A 22 1.97 -20.03 8.69
CA LEU A 22 3.19 -19.43 8.18
C LEU A 22 4.38 -20.36 8.42
N LYS A 23 4.52 -20.88 9.63
CA LYS A 23 5.59 -21.84 9.90
C LYS A 23 5.49 -23.06 8.98
N TYR A 24 4.26 -23.53 8.70
CA TYR A 24 4.08 -24.69 7.82
C TYR A 24 4.55 -24.39 6.40
N VAL A 25 4.26 -23.18 5.90
CA VAL A 25 4.69 -22.78 4.58
C VAL A 25 6.22 -22.72 4.50
N LEU A 26 6.85 -22.23 5.56
CA LEU A 26 8.30 -22.08 5.62
C LEU A 26 9.03 -23.39 5.95
N GLN A 27 8.30 -24.47 6.22
CA GLN A 27 8.90 -25.78 6.48
C GLN A 27 9.76 -26.23 5.30
N ASP A 28 11.06 -26.35 5.53
CA ASP A 28 11.99 -26.87 4.53
C ASP A 28 11.96 -26.06 3.23
N ALA A 29 11.61 -24.78 3.35
CA ALA A 29 11.66 -23.86 2.23
C ALA A 29 13.10 -23.53 1.87
N ARG A 30 13.27 -22.97 0.68
CA ARG A 30 14.49 -22.27 0.30
C ARG A 30 14.21 -20.77 0.21
N PHE A 31 15.22 -19.96 0.54
CA PHE A 31 15.06 -18.52 0.65
C PHE A 31 16.09 -17.83 -0.21
N PHE A 32 15.66 -16.81 -0.95
CA PHE A 32 16.57 -16.02 -1.78
C PHE A 32 16.34 -14.54 -1.54
N LEU A 33 17.44 -13.82 -1.40
CA LEU A 33 17.43 -12.38 -1.22
C LEU A 33 17.25 -11.69 -2.56
N ILE A 34 16.25 -10.82 -2.67
CA ILE A 34 16.04 -10.00 -3.85
C ILE A 34 16.39 -8.56 -3.50
N LYS A 35 17.28 -7.96 -4.29
CA LYS A 35 17.69 -6.57 -4.12
C LYS A 35 17.19 -5.79 -5.33
N SER A 36 16.22 -4.92 -5.13
CA SER A 36 15.67 -4.08 -6.17
C SER A 36 16.32 -2.71 -6.12
N ASN A 37 16.69 -2.18 -7.29
CA ASN A 37 17.34 -0.88 -7.31
C ASN A 37 16.35 0.26 -7.13
N ASN A 38 15.04 -0.01 -7.15
CA ASN A 38 14.07 1.07 -7.02
C ASN A 38 12.82 0.54 -6.32
N HIS A 39 12.08 1.45 -5.68
CA HIS A 39 10.84 1.08 -5.01
C HIS A 39 9.74 0.73 -6.01
N GLU A 40 9.74 1.38 -7.16
CA GLU A 40 8.63 1.25 -8.10
C GLU A 40 8.41 -0.21 -8.49
N ASN A 41 9.48 -0.97 -8.69
CA ASN A 41 9.30 -2.33 -9.16
C ASN A 41 8.79 -3.25 -8.05
N VAL A 42 9.16 -2.99 -6.81
CA VAL A 42 8.60 -3.77 -5.71
C VAL A 42 7.12 -3.45 -5.53
N SER A 43 6.75 -2.19 -5.72
CA SER A 43 5.34 -1.82 -5.62
C SER A 43 4.55 -2.49 -6.74
N LEU A 44 5.07 -2.48 -7.95
CA LEU A 44 4.45 -3.19 -9.06
C LEU A 44 4.32 -4.68 -8.75
N ALA A 45 5.38 -5.28 -8.19
CA ALA A 45 5.35 -6.70 -7.87
C ALA A 45 4.27 -7.03 -6.86
N LYS A 46 4.10 -6.16 -5.86
CA LYS A 46 3.06 -6.37 -4.85
C LYS A 46 1.67 -6.27 -5.47
N ALA A 47 1.49 -5.37 -6.43
CA ALA A 47 0.18 -5.18 -7.05
C ALA A 47 -0.15 -6.32 -8.01
N LYS A 48 0.83 -6.77 -8.78
CA LYS A 48 0.57 -7.65 -9.91
C LYS A 48 0.97 -9.10 -9.66
N GLY A 49 1.67 -9.38 -8.56
CA GLY A 49 2.00 -10.75 -8.21
C GLY A 49 3.02 -11.38 -9.14
N VAL A 50 4.05 -10.63 -9.52
CA VAL A 50 5.08 -11.11 -10.46
C VAL A 50 6.43 -10.60 -10.01
N TRP A 51 7.48 -11.28 -10.48
CA TRP A 51 8.84 -10.78 -10.31
C TRP A 51 9.70 -11.23 -11.50
N SER A 52 10.71 -10.43 -11.80
CA SER A 52 11.69 -10.73 -12.84
C SER A 52 13.08 -10.38 -12.32
N THR A 53 14.08 -11.15 -12.76
CA THR A 53 15.45 -11.00 -12.31
C THR A 53 16.38 -11.23 -13.50
N LEU A 54 17.68 -11.06 -13.28
CA LEU A 54 18.64 -11.28 -14.34
C LEU A 54 18.74 -12.77 -14.68
N PRO A 55 19.15 -13.10 -15.91
CA PRO A 55 19.12 -14.52 -16.32
C PRO A 55 19.90 -15.45 -15.40
N VAL A 56 21.01 -15.00 -14.78
CA VAL A 56 21.76 -15.89 -13.90
C VAL A 56 20.92 -16.29 -12.70
N ASN A 57 20.15 -15.35 -12.14
CA ASN A 57 19.26 -15.68 -11.03
C ASN A 57 18.01 -16.40 -11.50
N GLU A 58 17.50 -16.04 -12.67
CA GLU A 58 16.36 -16.76 -13.25
C GLU A 58 16.61 -18.26 -13.26
N LYS A 59 17.80 -18.67 -13.70
CA LYS A 59 18.13 -20.09 -13.75
C LYS A 59 18.14 -20.73 -12.36
N LYS A 60 18.67 -20.02 -11.36
CA LYS A 60 18.77 -20.61 -10.01
C LYS A 60 17.38 -20.78 -9.40
N LEU A 61 16.51 -19.81 -9.60
CA LEU A 61 15.16 -19.90 -9.06
C LEU A 61 14.33 -20.97 -9.75
N ASN A 62 14.50 -21.10 -11.06
CA ASN A 62 13.79 -22.17 -11.76
C ASN A 62 14.21 -23.54 -11.24
N LEU A 63 15.52 -23.75 -11.07
CA LEU A 63 16.02 -24.99 -10.47
C LEU A 63 15.45 -25.20 -9.07
N ALA A 64 15.47 -24.17 -8.23
CA ALA A 64 15.01 -24.35 -6.86
C ALA A 64 13.50 -24.53 -6.78
N PHE A 65 12.76 -23.91 -7.71
CA PHE A 65 11.32 -24.12 -7.72
C PHE A 65 10.97 -25.60 -7.86
N ARG A 66 11.80 -26.34 -8.58
CA ARG A 66 11.59 -27.79 -8.74
C ARG A 66 12.03 -28.59 -7.52
N SER A 67 12.89 -28.03 -6.68
CA SER A 67 13.62 -28.77 -5.66
C SER A 67 13.00 -28.73 -4.27
N ALA A 68 12.04 -27.84 -4.03
CA ALA A 68 11.64 -27.57 -2.66
C ALA A 68 10.14 -27.31 -2.61
N ARG A 69 9.57 -27.55 -1.42
CA ARG A 69 8.14 -27.31 -1.24
C ARG A 69 7.79 -25.84 -1.45
N SER A 70 8.65 -24.94 -0.98
CA SER A 70 8.43 -23.50 -1.13
C SER A 70 9.76 -22.83 -1.47
N VAL A 71 9.72 -21.91 -2.43
CA VAL A 71 10.83 -21.00 -2.70
C VAL A 71 10.39 -19.60 -2.31
N ILE A 72 11.04 -19.02 -1.30
CA ILE A 72 10.67 -17.71 -0.73
C ILE A 72 11.62 -16.64 -1.24
N LEU A 73 11.06 -15.59 -1.82
CA LEU A 73 11.81 -14.37 -2.15
C LEU A 73 11.63 -13.34 -1.05
N ILE A 74 12.74 -12.81 -0.54
CA ILE A 74 12.74 -11.77 0.49
C ILE A 74 13.28 -10.49 -0.13
N PHE A 75 12.44 -9.45 -0.21
CA PHE A 75 12.71 -8.25 -0.98
C PHE A 75 13.33 -7.14 -0.14
N SER A 76 14.36 -6.49 -0.67
CA SER A 76 14.87 -5.24 -0.12
C SER A 76 15.16 -4.29 -1.27
N VAL A 77 14.66 -3.07 -1.15
CA VAL A 77 14.99 -1.98 -2.06
C VAL A 77 16.29 -1.33 -1.59
N ARG A 78 17.24 -1.18 -2.53
CA ARG A 78 18.54 -0.60 -2.19
C ARG A 78 18.39 0.83 -1.70
N GLU A 79 19.12 1.15 -0.63
CA GLU A 79 19.19 2.44 0.05
C GLU A 79 17.99 2.68 0.97
N SER A 80 17.03 1.75 1.06
CA SER A 80 15.88 1.94 1.92
C SER A 80 16.15 1.56 3.37
N GLY A 81 17.20 0.77 3.62
CA GLY A 81 17.47 0.30 4.97
C GLY A 81 16.46 -0.68 5.50
N LYS A 82 15.63 -1.28 4.65
CA LYS A 82 14.58 -2.18 5.11
C LYS A 82 14.35 -3.30 4.10
N PHE A 83 13.67 -4.35 4.56
CA PHE A 83 13.03 -5.32 3.68
C PHE A 83 11.59 -4.86 3.45
N GLN A 84 11.07 -5.09 2.24
CA GLN A 84 9.71 -4.66 1.93
C GLN A 84 8.69 -5.79 1.97
N GLY A 85 9.10 -7.00 2.30
CA GLY A 85 8.20 -8.13 2.47
C GLY A 85 8.80 -9.38 1.83
N PHE A 86 7.98 -10.45 1.79
CA PHE A 86 8.46 -11.69 1.17
C PHE A 86 7.30 -12.44 0.54
N ALA A 87 7.64 -13.29 -0.44
CA ALA A 87 6.65 -13.92 -1.29
C ALA A 87 7.16 -15.30 -1.71
N ARG A 88 6.22 -16.15 -2.14
CA ARG A 88 6.50 -17.52 -2.54
C ARG A 88 6.32 -17.69 -4.04
N LEU A 89 7.33 -18.25 -4.70
CA LEU A 89 7.19 -18.58 -6.12
C LEU A 89 6.03 -19.54 -6.30
N SER A 90 5.16 -19.24 -7.26
CA SER A 90 4.11 -20.18 -7.66
C SER A 90 4.26 -20.70 -9.09
N SER A 91 5.29 -20.24 -9.82
CA SER A 91 5.57 -20.74 -11.15
C SER A 91 7.06 -20.61 -11.44
N GLU A 92 7.50 -21.32 -12.49
CA GLU A 92 8.78 -21.05 -13.12
C GLU A 92 8.67 -19.78 -13.97
N SER A 93 9.80 -19.28 -14.45
CA SER A 93 9.75 -18.06 -15.25
C SER A 93 9.11 -18.33 -16.61
N HIS A 94 8.58 -17.28 -17.22
CA HIS A 94 7.91 -17.40 -18.51
C HIS A 94 8.11 -16.11 -19.29
N HIS A 95 8.42 -16.24 -20.58
CA HIS A 95 8.80 -15.13 -21.44
C HIS A 95 7.70 -14.79 -22.44
N GLY A 96 7.64 -13.51 -22.83
CA GLY A 96 6.87 -13.10 -23.99
C GLY A 96 5.43 -12.65 -23.74
N GLY A 97 4.97 -12.64 -22.49
CA GLY A 97 3.60 -12.25 -22.22
C GLY A 97 3.43 -10.75 -22.34
N SER A 98 2.30 -10.26 -21.83
CA SER A 98 2.09 -8.82 -21.76
C SER A 98 3.22 -8.21 -20.94
N PRO A 99 3.97 -7.25 -21.47
CA PRO A 99 5.21 -6.82 -20.81
C PRO A 99 4.92 -6.13 -19.50
N ILE A 100 5.78 -6.39 -18.51
CA ILE A 100 5.69 -5.73 -17.22
C ILE A 100 6.47 -4.43 -17.31
N HIS A 101 5.83 -3.32 -16.94
CA HIS A 101 6.41 -2.00 -17.10
C HIS A 101 7.39 -1.68 -15.96
N TRP A 102 8.38 -2.55 -15.84
CA TRP A 102 9.46 -2.31 -14.89
C TRP A 102 10.15 -0.98 -15.18
N VAL A 103 10.53 -0.28 -14.13
CA VAL A 103 11.47 0.83 -14.28
C VAL A 103 12.86 0.22 -14.37
N LEU A 104 13.49 0.38 -15.52
CA LEU A 104 14.69 -0.37 -15.84
C LEU A 104 15.91 0.30 -15.22
N PRO A 105 16.66 -0.39 -14.37
CA PRO A 105 17.92 0.17 -13.87
C PRO A 105 18.91 0.36 -15.01
N ALA A 106 19.83 1.29 -14.82
CA ALA A 106 20.84 1.55 -15.84
C ALA A 106 21.61 0.27 -16.15
N GLY A 107 21.86 0.04 -17.43
CA GLY A 107 22.53 -1.16 -17.88
C GLY A 107 21.68 -2.41 -17.87
N MET A 108 20.41 -2.30 -17.46
CA MET A 108 19.48 -3.42 -17.45
C MET A 108 18.44 -3.18 -18.53
N SER A 109 18.36 -4.10 -19.49
CA SER A 109 17.42 -3.95 -20.58
C SER A 109 16.12 -4.70 -20.28
N ALA A 110 15.10 -4.43 -21.08
CA ALA A 110 13.83 -5.14 -20.92
C ALA A 110 13.99 -6.63 -21.23
N LYS A 111 14.83 -6.97 -22.21
CA LYS A 111 15.05 -8.38 -22.53
C LYS A 111 15.72 -9.12 -21.38
N MET A 112 16.67 -8.45 -20.70
CA MET A 112 17.35 -9.09 -19.57
C MET A 112 16.38 -9.48 -18.47
N LEU A 113 15.30 -8.71 -18.31
CA LEU A 113 14.31 -8.95 -17.27
C LEU A 113 13.08 -9.65 -17.81
N GLY A 114 13.18 -10.31 -18.96
CA GLY A 114 12.00 -10.79 -19.66
C GLY A 114 11.35 -12.00 -19.03
N GLY A 115 12.07 -12.75 -18.20
CA GLY A 115 11.47 -13.91 -17.54
C GLY A 115 10.60 -13.54 -16.35
N VAL A 116 9.32 -13.91 -16.39
CA VAL A 116 8.34 -13.48 -15.38
C VAL A 116 7.97 -14.67 -14.50
N PHE A 117 8.19 -14.51 -13.19
CA PHE A 117 7.75 -15.48 -12.19
C PHE A 117 6.46 -14.98 -11.57
N LYS A 118 5.46 -15.86 -11.46
CA LYS A 118 4.31 -15.57 -10.63
C LYS A 118 4.69 -15.83 -9.17
N ILE A 119 4.23 -14.95 -8.28
CA ILE A 119 4.51 -15.07 -6.85
C ILE A 119 3.21 -14.85 -6.08
N ASP A 120 3.11 -15.50 -4.93
CA ASP A 120 2.07 -15.22 -3.95
C ASP A 120 2.71 -14.52 -2.75
N TRP A 121 2.25 -13.32 -2.44
CA TRP A 121 2.83 -12.61 -1.31
C TRP A 121 2.44 -13.29 -0.02
N ILE A 122 3.41 -13.41 0.89
CA ILE A 122 3.17 -13.91 2.23
CA ILE A 122 3.13 -13.91 2.23
C ILE A 122 3.09 -12.76 3.24
N CYS A 123 3.87 -11.71 3.01
CA CYS A 123 3.88 -10.54 3.88
C CYS A 123 4.28 -9.34 3.03
N ARG A 124 3.44 -8.30 3.04
CA ARG A 124 3.75 -7.06 2.32
C ARG A 124 4.20 -5.95 3.26
N ARG A 125 4.40 -6.28 4.54
CA ARG A 125 4.85 -5.31 5.51
C ARG A 125 6.38 -5.22 5.49
N GLU A 126 6.88 -4.06 5.90
CA GLU A 126 8.32 -3.86 5.89
C GLU A 126 8.94 -4.27 7.22
N LEU A 127 10.25 -4.52 7.18
CA LEU A 127 11.08 -4.81 8.34
C LEU A 127 12.38 -4.02 8.22
N PRO A 128 12.71 -3.15 9.16
CA PRO A 128 13.99 -2.43 9.08
C PRO A 128 15.17 -3.34 9.37
N PHE A 129 16.29 -3.04 8.71
CA PHE A 129 17.52 -3.78 8.92
C PHE A 129 17.94 -3.78 10.38
N THR A 130 17.57 -2.74 11.14
CA THR A 130 17.93 -2.70 12.56
C THR A 130 17.34 -3.89 13.33
N LYS A 131 16.21 -4.44 12.89
CA LYS A 131 15.61 -5.56 13.59
C LYS A 131 16.18 -6.93 13.20
N SER A 132 17.01 -7.01 12.16
CA SER A 132 17.58 -8.28 11.74
C SER A 132 19.08 -8.35 11.98
N ALA A 133 19.62 -7.43 12.80
CA ALA A 133 21.05 -7.36 13.01
C ALA A 133 21.62 -8.59 13.68
N HIS A 134 20.77 -9.40 14.32
CA HIS A 134 21.23 -10.60 15.00
C HIS A 134 21.26 -11.82 14.11
N LEU A 135 20.82 -11.71 12.85
CA LEU A 135 20.76 -12.85 11.94
C LEU A 135 21.85 -12.68 10.89
N THR A 136 22.71 -13.69 10.79
CA THR A 136 23.74 -13.75 9.77
C THR A 136 23.47 -14.96 8.89
N ASN A 137 24.00 -14.89 7.67
CA ASN A 137 23.74 -15.88 6.64
C ASN A 137 24.99 -16.70 6.40
N PRO A 138 25.00 -17.97 6.79
CA PRO A 138 26.19 -18.80 6.54
C PRO A 138 26.56 -18.93 5.07
N TRP A 139 25.61 -18.80 4.14
CA TRP A 139 25.98 -18.87 2.73
C TRP A 139 26.53 -17.55 2.20
N ASN A 140 26.64 -16.51 3.03
CA ASN A 140 27.34 -15.30 2.64
C ASN A 140 28.34 -14.89 3.73
N GLU A 141 29.21 -15.84 4.10
CA GLU A 141 30.35 -15.59 4.98
C GLU A 141 29.93 -15.03 6.34
N HIS A 142 28.78 -15.51 6.83
CA HIS A 142 28.20 -15.09 8.11
C HIS A 142 28.00 -13.58 8.18
N LYS A 143 27.82 -12.93 7.05
CA LYS A 143 27.53 -11.51 7.12
C LYS A 143 26.06 -11.32 7.51
N PRO A 144 25.73 -10.19 8.14
CA PRO A 144 24.32 -9.91 8.44
C PRO A 144 23.45 -10.15 7.21
N VAL A 145 22.24 -10.68 7.43
CA VAL A 145 21.44 -11.17 6.31
C VAL A 145 20.99 -10.04 5.38
N LYS A 146 20.93 -8.80 5.88
CA LYS A 146 20.68 -7.64 5.01
C LYS A 146 21.73 -7.49 3.92
N ILE A 147 22.92 -8.02 4.12
CA ILE A 147 24.01 -7.87 3.15
C ILE A 147 23.94 -9.01 2.16
N GLY A 148 23.98 -8.68 0.89
CA GLY A 148 24.00 -9.70 -0.14
C GLY A 148 23.59 -9.15 -1.49
N ARG A 149 24.14 -9.74 -2.54
CA ARG A 149 23.76 -9.34 -3.88
C ARG A 149 22.39 -9.91 -4.20
N ASP A 150 21.73 -9.30 -5.18
CA ASP A 150 20.50 -9.85 -5.72
C ASP A 150 20.67 -11.33 -6.04
N GLY A 151 19.78 -12.16 -5.49
CA GLY A 151 19.79 -13.59 -5.73
C GLY A 151 20.56 -14.42 -4.72
N GLN A 152 21.24 -13.80 -3.75
CA GLN A 152 21.95 -14.52 -2.72
C GLN A 152 21.02 -15.48 -2.00
N GLU A 153 21.37 -16.78 -1.99
CA GLU A 153 20.56 -17.71 -1.22
C GLU A 153 20.82 -17.53 0.27
N ILE A 154 19.76 -17.63 1.07
CA ILE A 154 19.82 -17.50 2.52
C ILE A 154 19.57 -18.88 3.12
N GLU A 155 20.47 -19.29 4.03
CA GLU A 155 20.38 -20.59 4.68
C GLU A 155 19.04 -20.75 5.42
N LEU A 156 18.60 -22.01 5.55
CA LEU A 156 17.25 -22.31 6.00
C LEU A 156 16.92 -21.66 7.34
N GLU A 157 17.78 -21.85 8.35
CA GLU A 157 17.46 -21.39 9.69
C GLU A 157 17.43 -19.86 9.75
N CYS A 158 18.42 -19.22 9.12
CA CYS A 158 18.45 -17.76 9.02
C CYS A 158 17.21 -17.24 8.29
N GLY A 159 16.88 -17.88 7.16
CA GLY A 159 15.75 -17.41 6.36
C GLY A 159 14.44 -17.55 7.10
N THR A 160 14.23 -18.70 7.75
CA THR A 160 13.04 -18.89 8.57
C THR A 160 12.94 -17.82 9.64
N GLN A 161 14.03 -17.59 10.38
CA GLN A 161 13.96 -16.63 11.46
C GLN A 161 13.73 -15.23 10.92
N LEU A 162 14.32 -14.91 9.76
CA LEU A 162 14.12 -13.58 9.18
C LEU A 162 12.66 -13.35 8.83
N CYS A 163 12.03 -14.36 8.20
CA CYS A 163 10.62 -14.24 7.83
C CYS A 163 9.74 -14.12 9.05
N LEU A 164 10.08 -14.83 10.13
CA LEU A 164 9.26 -14.78 11.32
C LEU A 164 9.37 -13.46 12.08
N LEU A 165 10.40 -12.65 11.78
CA LEU A 165 10.57 -11.31 12.35
C LEU A 165 9.63 -10.27 11.75
N PHE A 166 9.16 -10.49 10.53
CA PHE A 166 8.27 -9.53 9.89
C PHE A 166 6.99 -9.35 10.73
N PRO A 167 6.44 -8.15 10.77
CA PRO A 167 5.13 -7.97 11.37
C PRO A 167 4.11 -8.84 10.66
N PRO A 168 3.15 -9.42 11.37
CA PRO A 168 2.07 -10.16 10.70
C PRO A 168 1.36 -9.28 9.67
N ASP A 169 1.04 -9.89 8.53
CA ASP A 169 0.22 -9.27 7.50
C ASP A 169 -1.15 -9.95 7.55
N GLU A 170 -2.06 -9.35 8.31
CA GLU A 170 -3.38 -9.92 8.56
C GLU A 170 -4.30 -9.86 7.34
N SER A 171 -3.85 -9.24 6.25
CA SER A 171 -4.59 -9.23 5.00
C SER A 171 -4.41 -10.51 4.20
N ILE A 172 -3.46 -11.38 4.61
CA ILE A 172 -3.05 -12.58 3.88
C ILE A 172 -3.76 -13.81 4.45
N ASP A 173 -4.22 -14.69 3.56
CA ASP A 173 -4.75 -15.99 3.96
C ASP A 173 -3.88 -17.06 3.29
N LEU A 174 -3.08 -17.76 4.08
CA LEU A 174 -2.17 -18.76 3.54
C LEU A 174 -2.86 -20.07 3.18
N TYR A 175 -4.20 -20.16 3.30
CA TYR A 175 -4.86 -21.42 2.99
C TYR A 175 -4.64 -21.84 1.54
N GLN A 176 -4.75 -20.90 0.60
CA GLN A 176 -4.53 -21.24 -0.81
C GLN A 176 -3.07 -21.61 -1.08
N VAL A 177 -2.13 -20.89 -0.47
CA VAL A 177 -0.71 -21.17 -0.70
C VAL A 177 -0.37 -22.57 -0.24
N ILE A 178 -0.93 -23.02 0.89
CA ILE A 178 -0.68 -24.38 1.35
C ILE A 178 -1.19 -25.39 0.34
N HIS A 179 -2.30 -25.08 -0.34
CA HIS A 179 -2.80 -25.99 -1.37
C HIS A 179 -1.83 -26.11 -2.54
N LYS A 180 -1.04 -25.07 -2.82
CA LYS A 180 -0.10 -25.15 -3.94
C LYS A 180 1.12 -26.00 -3.62
N MET A 181 1.39 -26.24 -2.34
CA MET A 181 2.58 -27.02 -1.95
C MET A 181 2.44 -28.50 -2.33
N GLY B 18 -22.00 -5.86 -3.23
CA GLY B 18 -20.77 -6.07 -3.97
C GLY B 18 -20.00 -4.78 -4.18
N THR B 19 -18.88 -4.86 -4.92
CA THR B 19 -18.00 -3.71 -5.11
C THR B 19 -18.18 -2.99 -6.44
N SER B 20 -19.07 -3.47 -7.32
CA SER B 20 -19.19 -2.84 -8.64
C SER B 20 -19.53 -1.36 -8.52
N LYS B 21 -20.50 -1.02 -7.68
CA LYS B 21 -20.95 0.37 -7.60
C LYS B 21 -19.84 1.26 -7.09
N LEU B 22 -19.19 0.86 -6.00
CA LEU B 22 -18.11 1.68 -5.45
C LEU B 22 -16.96 1.78 -6.44
N LYS B 23 -16.62 0.67 -7.11
CA LYS B 23 -15.53 0.73 -8.08
C LYS B 23 -15.86 1.68 -9.21
N TYR B 24 -17.13 1.76 -9.61
CA TYR B 24 -17.55 2.75 -10.58
C TYR B 24 -17.30 4.17 -10.07
N VAL B 25 -17.70 4.43 -8.83
CA VAL B 25 -17.52 5.76 -8.24
C VAL B 25 -16.04 6.15 -8.19
N LEU B 26 -15.16 5.20 -7.91
CA LEU B 26 -13.74 5.49 -7.71
C LEU B 26 -12.93 5.46 -9.00
N GLN B 27 -13.58 5.20 -10.14
CA GLN B 27 -12.87 5.12 -11.41
C GLN B 27 -12.22 6.45 -11.75
N ASP B 28 -10.91 6.42 -11.96
CA ASP B 28 -10.13 7.61 -12.34
C ASP B 28 -10.20 8.69 -11.27
N ALA B 29 -10.47 8.33 -10.02
CA ALA B 29 -10.58 9.32 -8.98
C ALA B 29 -9.19 9.82 -8.57
N ARG B 30 -9.16 11.01 -7.96
CA ARG B 30 -7.99 11.44 -7.21
C ARG B 30 -8.33 11.35 -5.73
N PHE B 31 -7.31 11.06 -4.92
CA PHE B 31 -7.48 10.76 -3.50
C PHE B 31 -6.57 11.64 -2.67
N PHE B 32 -7.11 12.20 -1.58
CA PHE B 32 -6.36 13.07 -0.71
C PHE B 32 -6.58 12.66 0.73
N LEU B 33 -5.49 12.45 1.46
CA LEU B 33 -5.57 12.21 2.89
C LEU B 33 -5.93 13.51 3.60
N ILE B 34 -6.89 13.45 4.51
CA ILE B 34 -7.27 14.57 5.35
C ILE B 34 -6.92 14.22 6.78
N LYS B 35 -6.16 15.08 7.45
CA LYS B 35 -5.84 14.86 8.85
C LYS B 35 -6.50 15.96 9.65
N SER B 36 -7.40 15.59 10.54
CA SER B 36 -8.09 16.56 11.38
C SER B 36 -7.47 16.50 12.77
N ASN B 37 -7.22 17.66 13.36
CA ASN B 37 -6.66 17.67 14.70
C ASN B 37 -7.72 17.48 15.79
N ASN B 38 -8.99 17.34 15.44
CA ASN B 38 -9.99 17.06 16.46
C ASN B 38 -11.12 16.22 15.88
N HIS B 39 -11.90 15.62 16.79
CA HIS B 39 -13.05 14.81 16.42
C HIS B 39 -14.28 15.65 16.10
N GLU B 40 -14.43 16.80 16.77
CA GLU B 40 -15.63 17.62 16.62
C GLU B 40 -15.87 18.00 15.17
N ASN B 41 -14.79 18.37 14.45
CA ASN B 41 -15.00 18.87 13.09
C ASN B 41 -15.39 17.75 12.14
N VAL B 42 -14.89 16.54 12.38
CA VAL B 42 -15.29 15.42 11.54
C VAL B 42 -16.74 15.04 11.83
N SER B 43 -17.16 15.15 13.10
CA SER B 43 -18.55 14.88 13.41
C SER B 43 -19.46 15.89 12.72
N LEU B 44 -19.09 17.18 12.76
CA LEU B 44 -19.87 18.18 12.03
C LEU B 44 -19.89 17.87 10.54
N ALA B 45 -18.73 17.53 9.98
CA ALA B 45 -18.63 17.28 8.55
C ALA B 45 -19.47 16.09 8.13
N LYS B 46 -19.48 15.05 8.96
CA LYS B 46 -20.25 13.84 8.66
C LYS B 46 -21.74 14.12 8.59
N ALA B 47 -22.22 15.01 9.46
CA ALA B 47 -23.66 15.29 9.52
C ALA B 47 -24.08 16.26 8.43
N LYS B 48 -23.27 17.31 8.20
CA LYS B 48 -23.62 18.41 7.33
C LYS B 48 -23.13 18.25 5.90
N GLY B 49 -22.15 17.39 5.66
CA GLY B 49 -21.63 17.23 4.32
C GLY B 49 -20.81 18.40 3.83
N VAL B 50 -19.89 18.90 4.65
CA VAL B 50 -18.98 19.98 4.26
C VAL B 50 -17.59 19.70 4.83
N TRP B 51 -16.58 20.31 4.21
CA TRP B 51 -15.21 20.25 4.73
C TRP B 51 -14.51 21.56 4.42
N SER B 52 -13.54 21.91 5.29
CA SER B 52 -12.67 23.07 5.12
C SER B 52 -11.23 22.70 5.45
N THR B 53 -10.31 23.28 4.70
CA THR B 53 -8.89 23.03 4.91
C THR B 53 -8.14 24.33 4.71
N LEU B 54 -6.83 24.31 5.00
CA LEU B 54 -5.99 25.49 4.86
C LEU B 54 -5.85 25.87 3.39
N PRO B 55 -5.54 27.14 3.12
CA PRO B 55 -5.55 27.61 1.72
C PRO B 55 -4.65 26.82 0.78
N VAL B 56 -3.51 26.30 1.27
CA VAL B 56 -2.63 25.52 0.40
C VAL B 56 -3.35 24.28 -0.11
N ASN B 57 -4.00 23.55 0.80
CA ASN B 57 -4.74 22.35 0.39
C ASN B 57 -6.02 22.71 -0.34
N GLU B 58 -6.65 23.83 0.02
CA GLU B 58 -7.87 24.25 -0.67
C GLU B 58 -7.61 24.48 -2.15
N LYS B 59 -6.47 25.10 -2.47
CA LYS B 59 -6.10 25.30 -3.86
C LYS B 59 -5.90 23.96 -4.56
N LYS B 60 -5.17 23.05 -3.92
CA LYS B 60 -4.93 21.75 -4.51
C LYS B 60 -6.24 21.01 -4.79
N LEU B 61 -7.16 21.02 -3.83
CA LEU B 61 -8.43 20.32 -4.03
C LEU B 61 -9.27 20.98 -5.12
N ASN B 62 -9.21 22.30 -5.22
CA ASN B 62 -9.97 22.99 -6.27
C ASN B 62 -9.44 22.63 -7.65
N LEU B 63 -8.11 22.67 -7.82
CA LEU B 63 -7.51 22.24 -9.08
C LEU B 63 -7.93 20.82 -9.41
N ALA B 64 -7.85 19.92 -8.42
CA ALA B 64 -8.21 18.53 -8.66
C ALA B 64 -9.69 18.38 -9.00
N PHE B 65 -10.55 19.12 -8.31
CA PHE B 65 -11.99 19.00 -8.59
C PHE B 65 -12.31 19.36 -10.04
N ARG B 66 -11.70 20.42 -10.56
CA ARG B 66 -11.99 20.81 -11.93
C ARG B 66 -11.45 19.81 -12.94
N SER B 67 -10.33 19.16 -12.63
CA SER B 67 -9.66 18.31 -13.59
C SER B 67 -10.09 16.86 -13.52
N ALA B 68 -10.48 16.37 -12.36
CA ALA B 68 -10.71 14.94 -12.15
C ALA B 68 -12.20 14.57 -12.09
N ARG B 69 -12.44 13.32 -12.47
CA ARG B 69 -13.78 12.73 -12.51
C ARG B 69 -14.43 12.75 -11.12
N SER B 70 -13.66 12.41 -10.10
CA SER B 70 -14.10 12.40 -8.71
C SER B 70 -12.90 12.77 -7.84
N VAL B 71 -13.12 13.51 -6.77
CA VAL B 71 -12.07 13.79 -5.79
C VAL B 71 -12.52 13.22 -4.45
N ILE B 72 -11.75 12.27 -3.92
CA ILE B 72 -12.10 11.53 -2.71
C ILE B 72 -11.22 12.02 -1.56
N LEU B 73 -11.85 12.35 -0.44
CA LEU B 73 -11.18 12.73 0.80
C LEU B 73 -11.26 11.55 1.77
N ILE B 74 -10.12 11.10 2.28
CA ILE B 74 -10.08 10.00 3.23
C ILE B 74 -9.63 10.59 4.56
N PHE B 75 -10.49 10.53 5.57
CA PHE B 75 -10.32 11.30 6.80
C PHE B 75 -9.67 10.47 7.89
N SER B 76 -8.78 11.11 8.65
CA SER B 76 -8.21 10.49 9.85
C SER B 76 -8.03 11.56 10.91
N VAL B 77 -8.64 11.35 12.08
CA VAL B 77 -8.39 12.22 13.20
C VAL B 77 -7.06 11.83 13.83
N ARG B 78 -6.18 12.82 13.99
CA ARG B 78 -4.85 12.55 14.49
C ARG B 78 -4.91 11.97 15.90
N GLU B 79 -4.03 11.01 16.16
CA GLU B 79 -3.89 10.23 17.38
C GLU B 79 -5.00 9.22 17.58
N SER B 80 -5.98 9.13 16.67
CA SER B 80 -7.05 8.15 16.85
C SER B 80 -6.67 6.75 16.44
N GLY B 81 -5.62 6.59 15.63
CA GLY B 81 -5.22 5.29 15.13
C GLY B 81 -6.11 4.73 14.06
N LYS B 82 -6.98 5.55 13.48
CA LYS B 82 -8.01 5.05 12.57
C LYS B 82 -8.31 6.08 11.50
N PHE B 83 -8.90 5.60 10.40
CA PHE B 83 -9.65 6.45 9.49
C PHE B 83 -11.10 6.49 9.93
N GLN B 84 -11.74 7.64 9.74
CA GLN B 84 -13.14 7.80 10.14
C GLN B 84 -14.10 7.75 8.97
N GLY B 85 -13.62 7.58 7.75
CA GLY B 85 -14.51 7.48 6.61
C GLY B 85 -13.96 8.17 5.38
N PHE B 86 -14.73 8.17 4.27
CA PHE B 86 -14.29 8.90 3.10
C PHE B 86 -15.49 9.47 2.35
N ALA B 87 -15.22 10.51 1.59
CA ALA B 87 -16.28 11.32 1.00
C ALA B 87 -15.80 11.83 -0.35
N ARG B 88 -16.75 12.12 -1.23
CA ARG B 88 -16.46 12.65 -2.55
C ARG B 88 -16.86 14.13 -2.59
N LEU B 89 -15.95 14.98 -3.09
CA LEU B 89 -16.29 16.38 -3.31
C LEU B 89 -17.43 16.49 -4.32
N SER B 90 -18.45 17.28 -4.00
CA SER B 90 -19.46 17.64 -4.98
C SER B 90 -19.36 19.07 -5.45
N SER B 91 -18.45 19.86 -4.87
CA SER B 91 -18.28 21.25 -5.26
C SER B 91 -16.83 21.64 -5.06
N GLU B 92 -16.42 22.69 -5.78
CA GLU B 92 -15.26 23.47 -5.42
C GLU B 92 -15.51 24.15 -4.06
N SER B 93 -14.45 24.75 -3.53
CA SER B 93 -14.62 25.58 -2.35
C SER B 93 -15.43 26.82 -2.68
N HIS B 94 -16.18 27.29 -1.70
CA HIS B 94 -16.96 28.52 -1.88
C HIS B 94 -16.89 29.32 -0.59
N HIS B 95 -16.71 30.62 -0.75
CA HIS B 95 -16.58 31.55 0.35
C HIS B 95 -17.87 32.35 0.51
N GLY B 96 -17.98 33.03 1.65
CA GLY B 96 -19.09 33.93 1.86
C GLY B 96 -20.44 33.27 2.13
N GLY B 97 -20.51 31.94 2.17
CA GLY B 97 -21.72 31.28 2.60
C GLY B 97 -21.93 31.45 4.10
N SER B 98 -22.97 30.79 4.60
CA SER B 98 -23.24 30.81 6.03
C SER B 98 -22.04 30.20 6.77
N PRO B 99 -21.61 30.80 7.88
CA PRO B 99 -20.38 30.33 8.54
C PRO B 99 -20.56 28.96 9.16
N ILE B 100 -19.63 28.06 8.85
CA ILE B 100 -19.50 26.81 9.59
C ILE B 100 -18.76 27.09 10.89
N HIS B 101 -19.31 26.63 12.00
CA HIS B 101 -18.71 26.88 13.30
C HIS B 101 -17.76 25.74 13.68
N TRP B 102 -16.70 25.60 12.88
CA TRP B 102 -15.64 24.65 13.21
C TRP B 102 -15.09 24.94 14.60
N VAL B 103 -14.76 23.88 15.34
CA VAL B 103 -13.86 24.04 16.47
C VAL B 103 -12.46 24.22 15.92
N LEU B 104 -11.87 25.41 16.15
CA LEU B 104 -10.63 25.79 15.50
C LEU B 104 -9.44 25.28 16.27
N PRO B 105 -8.55 24.48 15.67
CA PRO B 105 -7.34 24.06 16.37
C PRO B 105 -6.41 25.24 16.60
N ALA B 106 -5.47 25.04 17.54
CA ALA B 106 -4.51 26.08 17.90
C ALA B 106 -3.80 26.62 16.67
N GLY B 107 -3.82 27.95 16.52
CA GLY B 107 -3.12 28.58 15.40
C GLY B 107 -3.80 28.41 14.07
N MET B 108 -5.08 28.02 14.07
CA MET B 108 -5.88 27.93 12.87
C MET B 108 -7.06 28.86 13.02
N SER B 109 -7.24 29.76 12.07
CA SER B 109 -8.24 30.82 12.18
C SER B 109 -9.44 30.53 11.30
N ALA B 110 -10.52 31.28 11.56
CA ALA B 110 -11.73 31.13 10.77
C ALA B 110 -11.47 31.49 9.31
N LYS B 111 -10.68 32.53 9.06
CA LYS B 111 -10.43 32.95 7.68
C LYS B 111 -9.55 31.94 6.94
N MET B 112 -8.69 31.23 7.67
CA MET B 112 -7.86 30.20 7.04
C MET B 112 -8.71 29.05 6.53
N LEU B 113 -9.82 28.74 7.20
CA LEU B 113 -10.72 27.66 6.82
C LEU B 113 -11.98 28.17 6.14
N GLY B 114 -11.94 29.36 5.55
CA GLY B 114 -13.14 29.98 5.02
C GLY B 114 -13.68 29.33 3.77
N GLY B 115 -12.84 28.61 3.03
CA GLY B 115 -13.33 27.87 1.86
C GLY B 115 -14.09 26.64 2.31
N VAL B 116 -15.33 26.51 1.84
CA VAL B 116 -16.22 25.42 2.24
C VAL B 116 -16.50 24.54 1.02
N PHE B 117 -16.10 23.28 1.11
CA PHE B 117 -16.39 22.27 0.10
C PHE B 117 -17.66 21.52 0.48
N LYS B 118 -18.59 21.37 -0.47
CA LYS B 118 -19.66 20.42 -0.26
C LYS B 118 -19.11 19.02 -0.55
N ILE B 119 -19.46 18.06 0.31
CA ILE B 119 -19.00 16.67 0.14
C ILE B 119 -20.17 15.71 0.35
N ASP B 120 -20.10 14.58 -0.35
CA ASP B 120 -21.03 13.47 -0.14
C ASP B 120 -20.25 12.31 0.47
N TRP B 121 -20.64 11.91 1.67
CA TRP B 121 -19.96 10.78 2.32
C TRP B 121 -20.29 9.47 1.61
N ILE B 122 -19.28 8.61 1.49
CA ILE B 122 -19.45 7.27 0.91
C ILE B 122 -19.39 6.24 2.02
N CYS B 123 -18.57 6.51 3.04
CA CYS B 123 -18.49 5.63 4.20
C CYS B 123 -18.22 6.52 5.41
N ARG B 124 -19.01 6.39 6.47
CA ARG B 124 -18.74 7.09 7.71
C ARG B 124 -18.30 6.15 8.82
N ARG B 125 -17.95 4.92 8.48
CA ARG B 125 -17.49 3.94 9.46
C ARG B 125 -15.98 3.98 9.59
N GLU B 126 -15.50 3.56 10.74
CA GLU B 126 -14.07 3.58 11.03
C GLU B 126 -13.33 2.43 10.34
N LEU B 127 -12.06 2.67 10.05
CA LEU B 127 -11.12 1.65 9.57
C LEU B 127 -9.84 1.79 10.37
N PRO B 128 -9.53 0.86 11.28
CA PRO B 128 -8.30 0.97 12.05
C PRO B 128 -7.08 0.79 11.16
N PHE B 129 -6.00 1.49 11.54
CA PHE B 129 -4.76 1.42 10.78
C PHE B 129 -4.23 -0.01 10.69
N THR B 130 -4.63 -0.88 11.62
CA THR B 130 -4.20 -2.27 11.57
C THR B 130 -4.71 -2.96 10.32
N LYS B 131 -5.80 -2.47 9.73
CA LYS B 131 -6.37 -3.10 8.55
C LYS B 131 -5.81 -2.53 7.26
N SER B 132 -5.02 -1.47 7.31
CA SER B 132 -4.43 -0.87 6.11
C SER B 132 -2.91 -0.97 6.13
N ALA B 133 -2.36 -1.78 7.02
CA ALA B 133 -0.92 -1.78 7.22
C ALA B 133 -0.14 -2.31 6.02
N HIS B 134 -0.80 -3.02 5.11
CA HIS B 134 -0.17 -3.57 3.92
C HIS B 134 -0.15 -2.59 2.76
N LEU B 135 -0.84 -1.46 2.86
CA LEU B 135 -0.95 -0.51 1.77
C LEU B 135 0.04 0.61 1.96
N THR B 136 0.85 0.85 0.93
CA THR B 136 1.84 1.92 0.91
C THR B 136 1.55 2.86 -0.25
N ASN B 137 1.85 4.15 -0.05
CA ASN B 137 1.51 5.20 -0.99
C ASN B 137 2.73 5.59 -1.80
N PRO B 138 2.80 5.22 -3.09
CA PRO B 138 3.98 5.57 -3.89
C PRO B 138 4.24 7.05 -3.98
N TRP B 139 3.22 7.89 -3.83
CA TRP B 139 3.41 9.33 -3.90
C TRP B 139 3.81 9.93 -2.55
N ASN B 140 4.06 9.10 -1.54
CA ASN B 140 4.66 9.52 -0.27
C ASN B 140 5.79 8.57 0.12
N GLU B 141 6.75 8.40 -0.79
CA GLU B 141 7.95 7.60 -0.56
C GLU B 141 7.62 6.17 -0.13
N HIS B 142 6.49 5.64 -0.62
CA HIS B 142 6.08 4.25 -0.41
C HIS B 142 5.94 3.92 1.06
N LYS B 143 5.66 4.94 1.87
CA LYS B 143 5.31 4.83 3.27
C LYS B 143 3.89 4.30 3.43
N PRO B 144 3.59 3.57 4.51
CA PRO B 144 2.21 3.14 4.77
C PRO B 144 1.24 4.30 4.63
N VAL B 145 0.09 4.01 4.03
CA VAL B 145 -0.79 5.09 3.58
C VAL B 145 -1.34 5.90 4.74
N LYS B 146 -1.42 5.32 5.93
CA LYS B 146 -1.87 6.10 7.09
C LYS B 146 -0.92 7.24 7.41
N ILE B 147 0.32 7.17 6.94
CA ILE B 147 1.30 8.20 7.23
C ILE B 147 1.21 9.29 6.18
N GLY B 148 1.05 10.53 6.63
CA GLY B 148 1.00 11.64 5.70
C GLY B 148 0.49 12.91 6.34
N ARG B 149 0.84 14.04 5.76
CA ARG B 149 0.33 15.31 6.24
C ARG B 149 -1.08 15.52 5.69
N ASP B 150 -1.78 16.46 6.30
CA ASP B 150 -3.06 16.89 5.78
C ASP B 150 -2.93 17.29 4.31
N GLY B 151 -3.78 16.71 3.46
CA GLY B 151 -3.77 17.02 2.05
C GLY B 151 -2.89 16.13 1.19
N GLN B 152 -2.11 15.23 1.80
CA GLN B 152 -1.23 14.34 1.03
C GLN B 152 -2.03 13.58 -0.02
N GLU B 153 -1.61 13.71 -1.28
CA GLU B 153 -2.33 12.98 -2.33
C GLU B 153 -1.93 11.51 -2.30
N ILE B 154 -2.91 10.65 -2.55
CA ILE B 154 -2.69 9.21 -2.54
C ILE B 154 -2.83 8.70 -3.97
N GLU B 155 -1.84 7.93 -4.42
CA GLU B 155 -1.84 7.43 -5.79
C GLU B 155 -3.07 6.55 -6.04
N LEU B 156 -3.50 6.54 -7.30
CA LEU B 156 -4.80 5.98 -7.70
C LEU B 156 -5.04 4.58 -7.13
N GLU B 157 -4.10 3.65 -7.35
CA GLU B 157 -4.38 2.27 -6.96
C GLU B 157 -4.40 2.13 -5.44
N CYS B 158 -3.49 2.80 -4.75
CA CYS B 158 -3.46 2.73 -3.29
C CYS B 158 -4.72 3.32 -2.68
N GLY B 159 -5.14 4.49 -3.18
CA GLY B 159 -6.37 5.09 -2.69
C GLY B 159 -7.58 4.24 -2.99
N THR B 160 -7.61 3.62 -4.17
CA THR B 160 -8.73 2.74 -4.51
C THR B 160 -8.80 1.56 -3.54
N GLN B 161 -7.65 0.94 -3.25
CA GLN B 161 -7.65 -0.23 -2.38
C GLN B 161 -7.96 0.17 -0.94
N LEU B 162 -7.48 1.34 -0.52
CA LEU B 162 -7.80 1.84 0.81
C LEU B 162 -9.31 2.02 0.97
N CYS B 163 -9.96 2.62 -0.02
CA CYS B 163 -11.40 2.81 0.10
C CYS B 163 -12.14 1.49 0.14
N LEU B 164 -11.64 0.48 -0.59
CA LEU B 164 -12.31 -0.81 -0.62
C LEU B 164 -12.18 -1.57 0.69
N LEU B 165 -11.24 -1.20 1.55
CA LEU B 165 -11.09 -1.84 2.86
C LEU B 165 -12.20 -1.47 3.83
N PHE B 166 -12.83 -0.31 3.65
CA PHE B 166 -13.83 0.14 4.62
C PHE B 166 -15.04 -0.80 4.62
N PRO B 167 -15.71 -0.96 5.76
CA PRO B 167 -16.94 -1.77 5.79
C PRO B 167 -18.07 -1.05 5.09
N PRO B 168 -19.10 -1.78 4.62
CA PRO B 168 -20.25 -1.11 4.02
C PRO B 168 -20.98 -0.29 5.06
N ASP B 169 -21.45 0.89 4.65
CA ASP B 169 -22.16 1.80 5.54
C ASP B 169 -23.65 1.73 5.19
N GLU B 170 -24.44 1.17 6.10
CA GLU B 170 -25.89 1.01 5.92
C GLU B 170 -26.66 2.32 5.95
N SER B 171 -26.04 3.43 6.39
CA SER B 171 -26.69 4.72 6.42
C SER B 171 -26.51 5.49 5.12
N ILE B 172 -25.73 4.97 4.18
CA ILE B 172 -25.36 5.69 2.97
C ILE B 172 -25.96 5.00 1.77
N ASP B 173 -26.45 5.80 0.83
CA ASP B 173 -27.00 5.30 -0.43
C ASP B 173 -26.15 5.91 -1.54
N LEU B 174 -25.40 5.07 -2.24
CA LEU B 174 -24.50 5.56 -3.28
C LEU B 174 -25.24 6.14 -4.47
N TYR B 175 -26.54 5.87 -4.58
CA TYR B 175 -27.30 6.29 -5.76
C TYR B 175 -27.23 7.80 -5.97
N GLN B 176 -27.26 8.57 -4.88
CA GLN B 176 -27.15 10.02 -5.00
C GLN B 176 -25.84 10.41 -5.68
N VAL B 177 -24.72 9.81 -5.24
CA VAL B 177 -23.42 10.13 -5.82
C VAL B 177 -23.37 9.70 -7.28
N ILE B 178 -23.82 8.47 -7.56
CA ILE B 178 -23.86 7.98 -8.92
C ILE B 178 -24.65 8.91 -9.83
N HIS B 179 -25.79 9.41 -9.35
CA HIS B 179 -26.64 10.26 -10.20
C HIS B 179 -25.97 11.60 -10.49
N LYS B 180 -25.25 12.17 -9.52
CA LYS B 180 -24.48 13.38 -9.78
C LYS B 180 -23.48 13.18 -10.92
N MET B 181 -22.84 12.01 -10.96
CA MET B 181 -21.71 11.79 -11.87
C MET B 181 -22.15 11.73 -13.33
N12 OYK C . 16.29 -3.90 -9.78
C01 OYK C . 19.05 -5.22 -9.12
C03 OYK C . 17.69 -7.12 -9.97
C05 OYK C . 16.70 -5.20 -9.91
C06 OYK C . 15.82 -6.13 -10.40
C07 OYK C . 14.51 -5.69 -10.74
C09 OYK C . 12.21 -6.21 -11.59
C11 OYK C . 15.06 -3.53 -10.12
N02 OYK C . 17.84 -5.84 -9.66
N04 OYK C . 16.45 -7.32 -10.42
N08 OYK C . 13.57 -6.65 -11.27
N10 OYK C . 14.18 -4.42 -10.59
S SO4 D . -2.93 -19.92 12.20
O1 SO4 D . -4.07 -20.83 12.11
O2 SO4 D . -2.21 -19.96 10.94
O3 SO4 D . -3.32 -18.52 12.43
O4 SO4 D . -2.05 -20.33 13.31
S SO4 E . 8.96 -19.78 -21.64
O1 SO4 E . 8.89 -20.44 -22.93
O2 SO4 E . 9.30 -18.37 -21.82
O3 SO4 E . 7.66 -19.90 -20.97
O4 SO4 E . 9.98 -20.41 -20.81
S SO4 F . 23.50 -6.69 -7.75
O1 SO4 F . 23.64 -7.96 -8.45
O2 SO4 F . 22.49 -5.87 -8.43
O3 SO4 F . 23.06 -6.91 -6.37
O4 SO4 F . 24.79 -5.99 -7.77
S SO4 G . 24.84 -18.51 -3.24
O1 SO4 G . 23.64 -17.65 -3.25
O2 SO4 G . 24.86 -19.38 -4.42
O3 SO4 G . 24.78 -19.36 -2.04
O4 SO4 G . 26.06 -17.69 -3.18
S SO4 H . 19.97 2.21 -11.41
O1 SO4 H . 20.91 1.08 -11.42
O2 SO4 H . 19.72 2.66 -12.77
O3 SO4 H . 18.69 1.78 -10.81
O4 SO4 H . 20.54 3.31 -10.64
N12 OYK I . -8.16 20.14 11.84
C01 OYK I . -5.30 19.69 10.69
C03 OYK I . -6.58 20.53 8.73
C05 OYK I . -7.69 20.35 10.59
C06 OYK I . -8.55 20.82 9.62
C07 OYK I . -9.92 21.07 9.97
C09 OYK I . -12.26 21.80 9.35
C11 OYK I . -9.43 20.41 12.13
N02 OYK I . -6.49 20.17 10.01
N04 OYK I . -7.83 20.92 8.48
N08 OYK I . -10.86 21.59 9.00
N10 OYK I . -10.30 20.86 11.23
S SO4 J . -0.60 19.53 8.73
O1 SO4 J . -0.38 18.19 8.20
O2 SO4 J . -0.87 20.45 7.62
O3 SO4 J . -1.75 19.53 9.64
O4 SO4 J . 0.60 19.99 9.42
S SO4 K . -18.32 2.50 13.08
O1 SO4 K . -18.13 1.24 12.36
O2 SO4 K . -19.56 3.14 12.68
O3 SO4 K . -17.20 3.39 12.80
O4 SO4 K . -18.37 2.27 14.53
S SO4 L . 2.09 10.79 10.59
O1 SO4 L . 3.44 11.18 10.16
O2 SO4 L . 1.14 10.92 9.47
O3 SO4 L . 1.64 11.69 11.66
O4 SO4 L . 2.10 9.43 11.10
S SO4 M . -16.21 31.70 -4.53
O1 SO4 M . -14.85 31.39 -4.99
O2 SO4 M . -16.83 32.67 -5.43
O3 SO4 M . -16.12 32.22 -3.17
O4 SO4 M . -17.06 30.51 -4.55
S SO4 N . -0.53 7.89 16.00
O1 SO4 N . -1.09 6.61 15.52
O2 SO4 N . -0.49 8.84 14.89
O3 SO4 N . -1.37 8.40 17.08
O4 SO4 N . 0.82 7.67 16.51
S SO4 O . -8.50 28.69 -6.69
O1 SO4 O . -8.24 27.86 -7.88
O2 SO4 O . -9.85 29.26 -6.77
O3 SO4 O . -7.52 29.79 -6.66
O4 SO4 O . -8.38 27.88 -5.47
#